data_4FYH
#
_entry.id   4FYH
#
_cell.length_a   92.953
_cell.length_b   119.002
_cell.length_c   57.769
_cell.angle_alpha   90.00
_cell.angle_beta   90.00
_cell.angle_gamma   90.00
#
_symmetry.space_group_name_H-M   'P 21 21 2'
#
loop_
_entity.id
_entity.type
_entity.pdbx_description
1 polymer "Deoxyribonucleoside 5'-monophosphate N-glycosidase"
2 non-polymer 5-methyl-1-(5-O-phosphono-beta-D-ribofuranosyl)-1,5-dihydro-1,4,5,6,8-pentaazaacenaphthylen-3-amine
3 non-polymer 'SULFATE ION'
4 water water
#
_entity_poly.entity_id   1
_entity_poly.type   'polypeptide(L)'
_entity_poly.pdbx_seq_one_letter_code
;MRRSVYFCGSIRGGREDQALYARIVSRLRRYGKVLTEHVADAELEPLGEEAAGGDQFIHEQNLNWLQQADVVVAEVTQPS
LGVGYELGRAVALGKPILCLFRPQSGRVLSAMIRGAADGSRFQVWDYAEGEVETMLDRYFEAYLVEHHHHHH
;
_entity_poly.pdbx_strand_id   A,B,C,D
#
loop_
_chem_comp.id
_chem_comp.type
_chem_comp.name
_chem_comp.formula
SO4 non-polymer 'SULFATE ION' 'O4 S -2'
TR5 non-polymer 5-methyl-1-(5-O-phosphono-beta-D-ribofuranosyl)-1,5-dihydro-1,4,5,6,8-pentaazaacenaphthylen-3-amine 'C13 H17 N6 O7 P'
#
# COMPACT_ATOMS: atom_id res chain seq x y z
N ARG A 2 12.45 -35.34 31.99
CA ARG A 2 11.47 -35.54 30.89
C ARG A 2 11.87 -34.75 29.65
N ARG A 3 11.37 -35.19 28.49
CA ARG A 3 11.62 -34.51 27.20
C ARG A 3 10.88 -33.18 27.12
N SER A 4 11.53 -32.17 26.54
CA SER A 4 10.94 -30.84 26.41
C SER A 4 10.48 -30.54 24.99
N VAL A 5 9.28 -30.00 24.86
CA VAL A 5 8.75 -29.61 23.55
C VAL A 5 8.40 -28.13 23.56
N TYR A 6 8.88 -27.43 22.54
CA TYR A 6 8.57 -26.02 22.35
C TYR A 6 7.53 -25.93 21.24
N PHE A 7 6.37 -25.35 21.54
CA PHE A 7 5.32 -25.19 20.52
C PHE A 7 5.19 -23.74 20.05
N CYS A 8 5.15 -23.58 18.73
CA CYS A 8 4.99 -22.26 18.09
C CYS A 8 3.65 -22.16 17.36
N GLY A 9 2.97 -21.04 17.57
CA GLY A 9 1.73 -20.73 16.84
C GLY A 9 1.51 -19.23 16.83
N SER A 10 0.86 -18.73 15.78
CA SER A 10 0.58 -17.31 15.62
C SER A 10 -0.18 -16.75 16.83
N ILE A 11 0.21 -15.57 17.30
CA ILE A 11 -0.56 -14.78 18.26
C ILE A 11 -0.91 -13.43 17.64
N ARG A 12 0.09 -12.57 17.50
CA ARG A 12 -0.11 -11.24 16.96
C ARG A 12 -0.29 -11.24 15.44
N GLY A 13 -0.05 -12.37 14.79
CA GLY A 13 -0.33 -12.52 13.36
C GLY A 13 -1.77 -12.92 13.11
N GLY A 14 -2.53 -13.14 14.18
CA GLY A 14 -3.90 -13.61 14.09
C GLY A 14 -4.13 -14.86 14.93
N ARG A 15 -5.23 -14.86 15.66
CA ARG A 15 -5.55 -15.97 16.56
C ARG A 15 -6.53 -16.99 15.96
N GLU A 16 -6.75 -16.90 14.65
CA GLU A 16 -7.69 -17.78 13.92
C GLU A 16 -7.67 -19.24 14.36
N ASP A 17 -6.48 -19.75 14.69
CA ASP A 17 -6.26 -21.17 14.93
C ASP A 17 -6.02 -21.55 16.40
N GLN A 18 -6.41 -20.66 17.33
CA GLN A 18 -6.30 -20.89 18.78
C GLN A 18 -6.66 -22.32 19.23
N ALA A 19 -7.85 -22.76 18.84
CA ALA A 19 -8.40 -24.05 19.23
C ALA A 19 -7.52 -25.22 18.79
N LEU A 20 -7.05 -25.11 17.55
CA LEU A 20 -6.18 -26.10 16.96
C LEU A 20 -4.81 -26.19 17.67
N TYR A 21 -4.34 -25.08 18.22
CA TYR A 21 -3.11 -25.07 19.00
C TYR A 21 -3.30 -25.82 20.32
N ALA A 22 -4.40 -25.50 21.02
CA ALA A 22 -4.77 -26.17 22.26
C ALA A 22 -4.89 -27.68 22.08
N ARG A 23 -5.48 -28.09 20.95
CA ARG A 23 -5.53 -29.49 20.55
C ARG A 23 -4.13 -30.09 20.40
N ILE A 24 -3.23 -29.34 19.74
CA ILE A 24 -1.85 -29.79 19.55
C ILE A 24 -1.10 -29.85 20.87
N VAL A 25 -1.19 -28.79 21.68
CA VAL A 25 -0.55 -28.74 22.98
C VAL A 25 -0.96 -29.94 23.84
N SER A 26 -2.27 -30.20 23.92
CA SER A 26 -2.80 -31.34 24.67
C SER A 26 -2.11 -32.65 24.30
N ARG A 27 -2.04 -32.92 23.00
CA ARG A 27 -1.43 -34.15 22.49
C ARG A 27 0.07 -34.17 22.74
N LEU A 28 0.70 -33.01 22.68
CA LEU A 28 2.14 -32.90 22.92
C LEU A 28 2.51 -33.22 24.36
N ARG A 29 1.61 -32.91 25.29
CA ARG A 29 1.82 -33.16 26.72
C ARG A 29 2.05 -34.64 27.00
N ARG A 30 1.50 -35.48 26.12
CA ARG A 30 1.68 -36.93 26.17
C ARG A 30 3.12 -37.35 25.84
N TYR A 31 3.78 -36.58 24.98
CA TYR A 31 5.12 -36.92 24.50
C TYR A 31 6.24 -36.13 25.17
N GLY A 32 5.90 -35.26 26.11
CA GLY A 32 6.87 -34.49 26.87
C GLY A 32 6.28 -33.24 27.49
N LYS A 33 7.10 -32.54 28.27
CA LYS A 33 6.68 -31.28 28.88
C LYS A 33 6.67 -30.15 27.85
N VAL A 34 5.53 -29.46 27.77
CA VAL A 34 5.36 -28.34 26.85
C VAL A 34 5.75 -27.05 27.58
N LEU A 35 6.81 -26.41 27.10
CA LEU A 35 7.36 -25.23 27.78
C LEU A 35 6.53 -23.96 27.54
N THR A 36 5.83 -23.92 26.41
CA THR A 36 5.02 -22.77 26.01
C THR A 36 3.54 -23.00 26.31
N GLU A 37 3.00 -22.26 27.29
CA GLU A 37 1.59 -22.41 27.68
C GLU A 37 0.62 -21.81 26.68
N GLY A 53 7.75 -5.82 32.30
CA GLY A 53 8.81 -6.48 31.55
C GLY A 53 8.74 -6.24 30.05
N GLY A 54 7.51 -6.29 29.53
CA GLY A 54 7.27 -5.99 28.13
C GLY A 54 7.75 -7.07 27.19
N ASP A 55 7.91 -6.66 25.94
CA ASP A 55 8.27 -7.56 24.85
C ASP A 55 9.65 -8.18 25.05
N GLN A 56 10.59 -7.39 25.60
CA GLN A 56 11.96 -7.82 25.88
C GLN A 56 12.00 -9.02 26.84
N PHE A 57 11.17 -9.00 27.87
CA PHE A 57 11.02 -10.15 28.78
C PHE A 57 10.49 -11.39 28.05
N ILE A 58 9.44 -11.21 27.24
CA ILE A 58 8.84 -12.30 26.47
C ILE A 58 9.86 -13.00 25.55
N HIS A 59 10.64 -12.20 24.83
CA HIS A 59 11.68 -12.72 23.94
C HIS A 59 12.76 -13.50 24.70
N GLU A 60 13.20 -12.93 25.82
CA GLU A 60 14.23 -13.54 26.66
C GLU A 60 13.77 -14.85 27.31
N GLN A 61 12.55 -14.86 27.85
CA GLN A 61 11.95 -16.08 28.39
C GLN A 61 11.79 -17.16 27.30
N ASN A 62 11.34 -16.75 26.12
CA ASN A 62 11.16 -17.69 25.01
C ASN A 62 12.47 -18.26 24.45
N LEU A 63 13.50 -17.43 24.32
CA LEU A 63 14.80 -17.93 23.87
C LEU A 63 15.37 -18.96 24.85
N ASN A 64 15.20 -18.71 26.14
CA ASN A 64 15.60 -19.64 27.17
C ASN A 64 14.93 -21.00 27.05
N TRP A 65 13.61 -21.00 26.87
CA TRP A 65 12.85 -22.23 26.64
C TRP A 65 13.27 -22.94 25.35
N LEU A 66 13.55 -22.17 24.30
CA LEU A 66 13.99 -22.72 23.02
C LEU A 66 15.33 -23.45 23.14
N GLN A 67 16.25 -22.89 23.91
CA GLN A 67 17.54 -23.53 24.20
C GLN A 67 17.38 -24.86 24.98
N GLN A 68 16.51 -24.87 25.98
CA GLN A 68 16.21 -26.09 26.76
C GLN A 68 15.53 -27.17 25.91
N ALA A 69 14.70 -26.75 24.95
CA ALA A 69 13.83 -27.65 24.20
C ALA A 69 14.55 -28.79 23.49
N ASP A 70 13.96 -29.99 23.53
CA ASP A 70 14.52 -31.14 22.80
C ASP A 70 14.00 -31.18 21.37
N VAL A 71 12.74 -30.78 21.20
CA VAL A 71 12.11 -30.74 19.88
C VAL A 71 11.21 -29.52 19.77
N VAL A 72 11.15 -28.95 18.55
CA VAL A 72 10.31 -27.78 18.27
C VAL A 72 9.17 -28.18 17.31
N VAL A 73 7.95 -27.85 17.70
CA VAL A 73 6.76 -28.10 16.88
C VAL A 73 6.06 -26.77 16.57
N ALA A 74 5.81 -26.50 15.29
CA ALA A 74 5.11 -25.27 14.90
C ALA A 74 3.92 -25.54 13.98
N GLU A 75 2.81 -24.88 14.28
CA GLU A 75 1.69 -24.82 13.36
C GLU A 75 1.89 -23.56 12.55
N VAL A 76 2.12 -23.73 11.25
CA VAL A 76 2.59 -22.65 10.39
C VAL A 76 1.57 -22.18 9.36
N THR A 77 0.28 -22.49 9.58
CA THR A 77 -0.78 -22.13 8.62
C THR A 77 -1.08 -20.64 8.62
N GLN A 78 -1.07 -20.03 9.80
CA GLN A 78 -1.31 -18.61 9.95
C GLN A 78 0.03 -17.84 9.91
N PRO A 79 0.18 -16.90 8.95
CA PRO A 79 1.43 -16.16 8.82
C PRO A 79 1.75 -15.37 10.09
N SER A 80 3.01 -15.41 10.51
CA SER A 80 3.42 -14.83 11.78
C SER A 80 4.93 -14.61 11.87
N LEU A 81 5.32 -13.38 12.17
CA LEU A 81 6.72 -13.01 12.37
C LEU A 81 7.36 -13.84 13.46
N GLY A 82 6.69 -13.95 14.60
CA GLY A 82 7.21 -14.66 15.78
C GLY A 82 7.50 -16.12 15.55
N VAL A 83 6.54 -16.83 14.93
CA VAL A 83 6.70 -18.25 14.57
C VAL A 83 7.89 -18.43 13.64
N GLY A 84 7.95 -17.61 12.59
CA GLY A 84 9.09 -17.66 11.66
C GLY A 84 10.40 -17.46 12.40
N TYR A 85 10.44 -16.47 13.29
CA TYR A 85 11.64 -16.10 14.03
C TYR A 85 12.11 -17.26 14.89
N GLU A 86 11.17 -17.86 15.61
CA GLU A 86 11.41 -19.02 16.46
C GLU A 86 11.97 -20.20 15.65
N LEU A 87 11.42 -20.42 14.46
CA LEU A 87 11.89 -21.46 13.57
C LEU A 87 13.29 -21.14 13.07
N GLY A 88 13.57 -19.87 12.86
CA GLY A 88 14.90 -19.45 12.42
C GLY A 88 15.95 -19.67 13.50
N ARG A 89 15.64 -19.20 14.71
CA ARG A 89 16.50 -19.45 15.87
C ARG A 89 16.70 -20.94 16.13
N ALA A 90 15.61 -21.72 16.07
CA ALA A 90 15.63 -23.17 16.30
C ALA A 90 16.54 -23.93 15.33
N VAL A 91 16.46 -23.61 14.03
CA VAL A 91 17.35 -24.21 13.03
C VAL A 91 18.83 -23.98 13.42
N ALA A 92 19.14 -22.75 13.83
CA ALA A 92 20.52 -22.38 14.13
C ALA A 92 21.06 -23.03 15.42
N LEU A 93 20.15 -23.40 16.32
CA LEU A 93 20.51 -24.13 17.53
C LEU A 93 20.59 -25.64 17.28
N GLY A 94 20.19 -26.06 16.08
CA GLY A 94 20.24 -27.46 15.67
C GLY A 94 19.14 -28.32 16.27
N LYS A 95 18.01 -27.69 16.59
CA LYS A 95 16.86 -28.40 17.14
C LYS A 95 16.11 -29.17 16.04
N PRO A 96 15.60 -30.37 16.38
CA PRO A 96 14.67 -31.04 15.47
C PRO A 96 13.38 -30.23 15.38
N ILE A 97 12.88 -30.03 14.15
CA ILE A 97 11.69 -29.22 13.95
C ILE A 97 10.61 -30.01 13.22
N LEU A 98 9.36 -29.76 13.59
CA LEU A 98 8.20 -30.23 12.84
C LEU A 98 7.24 -29.08 12.59
N CYS A 99 7.06 -28.72 11.32
CA CYS A 99 6.06 -27.73 10.94
C CYS A 99 4.84 -28.46 10.37
N LEU A 100 3.66 -28.07 10.84
CA LEU A 100 2.41 -28.60 10.34
C LEU A 100 1.65 -27.49 9.63
N PHE A 101 1.27 -27.75 8.39
CA PHE A 101 0.54 -26.80 7.55
C PHE A 101 -0.78 -27.41 7.05
N ARG A 102 -1.81 -26.58 7.03
CA ARG A 102 -3.17 -27.02 6.64
C ARG A 102 -3.56 -26.44 5.26
N PRO A 103 -3.48 -27.26 4.19
CA PRO A 103 -3.81 -26.79 2.83
C PRO A 103 -5.28 -26.40 2.65
N GLN A 104 -6.14 -26.85 3.57
CA GLN A 104 -7.57 -26.53 3.54
C GLN A 104 -7.82 -25.03 3.78
N SER A 105 -6.89 -24.38 4.47
CA SER A 105 -6.93 -22.94 4.73
C SER A 105 -7.01 -22.10 3.45
N GLY A 106 -6.55 -22.69 2.35
CA GLY A 106 -6.52 -22.03 1.05
C GLY A 106 -5.22 -21.31 0.80
N ARG A 107 -4.40 -21.19 1.86
CA ARG A 107 -3.13 -20.46 1.79
C ARG A 107 -2.07 -21.29 1.08
N VAL A 108 -1.09 -20.58 0.51
CA VAL A 108 0.15 -21.22 0.06
C VAL A 108 1.22 -20.89 1.09
N LEU A 109 1.80 -21.94 1.67
CA LEU A 109 2.82 -21.80 2.69
C LEU A 109 4.07 -21.11 2.15
N SER A 110 4.56 -20.15 2.93
CA SER A 110 5.83 -19.47 2.68
C SER A 110 6.89 -20.39 2.08
N ALA A 111 7.54 -19.92 1.02
CA ALA A 111 8.60 -20.70 0.38
C ALA A 111 9.77 -20.94 1.35
N MET A 112 9.98 -19.99 2.26
CA MET A 112 11.13 -20.07 3.19
C MET A 112 10.98 -21.13 4.26
N ILE A 113 9.75 -21.46 4.62
CA ILE A 113 9.48 -22.55 5.56
C ILE A 113 9.42 -23.90 4.83
N ARG A 114 8.61 -23.96 3.77
CA ARG A 114 8.48 -25.15 2.94
C ARG A 114 9.83 -25.56 2.36
N GLY A 115 10.63 -24.58 1.96
CA GLY A 115 11.96 -24.83 1.39
C GLY A 115 13.04 -25.13 2.40
N ALA A 116 12.76 -24.89 3.69
CA ALA A 116 13.71 -25.15 4.76
C ALA A 116 13.78 -26.63 5.14
N ALA A 117 12.91 -27.44 4.55
CA ALA A 117 12.83 -28.86 4.91
C ALA A 117 14.04 -29.66 4.42
N ASP A 118 14.54 -30.52 5.30
CA ASP A 118 15.54 -31.55 4.93
C ASP A 118 15.04 -32.97 5.29
N GLY A 119 13.81 -33.04 5.79
CA GLY A 119 13.11 -34.31 5.99
C GLY A 119 13.52 -35.14 7.19
N SER A 120 14.45 -34.63 7.99
CA SER A 120 14.81 -35.26 9.25
C SER A 120 14.90 -34.19 10.35
N ARG A 121 15.92 -33.34 10.26
CA ARG A 121 16.12 -32.23 11.17
C ARG A 121 14.99 -31.19 11.05
N PHE A 122 14.43 -31.06 9.86
CA PHE A 122 13.38 -30.08 9.58
C PHE A 122 12.32 -30.69 8.67
N GLN A 123 11.17 -31.03 9.24
CA GLN A 123 10.09 -31.61 8.46
C GLN A 123 8.89 -30.67 8.35
N VAL A 124 8.31 -30.63 7.15
CA VAL A 124 7.09 -29.89 6.90
C VAL A 124 6.03 -30.85 6.37
N TRP A 125 4.99 -31.05 7.18
CA TRP A 125 3.93 -32.02 6.90
C TRP A 125 2.60 -31.31 6.63
N ASP A 126 1.93 -31.71 5.54
CA ASP A 126 0.57 -31.26 5.26
C ASP A 126 -0.45 -32.10 6.04
N TYR A 127 -1.48 -31.46 6.58
CA TYR A 127 -2.54 -32.19 7.31
C TYR A 127 -3.96 -31.63 7.11
N ALA A 128 -4.95 -32.50 7.34
CA ALA A 128 -6.37 -32.14 7.33
C ALA A 128 -6.84 -31.97 8.77
N GLU A 129 -7.81 -31.07 9.00
CA GLU A 129 -8.14 -30.61 10.35
C GLU A 129 -8.48 -31.68 11.41
N GLY A 130 -8.86 -32.88 10.96
CA GLY A 130 -9.13 -33.99 11.88
C GLY A 130 -7.96 -34.95 12.06
N GLU A 131 -6.86 -34.67 11.35
CA GLU A 131 -5.69 -35.56 11.34
C GLU A 131 -4.60 -35.15 12.33
N VAL A 132 -4.80 -34.02 13.02
CA VAL A 132 -3.71 -33.38 13.77
C VAL A 132 -3.10 -34.28 14.85
N GLU A 133 -3.93 -35.01 15.59
CA GLU A 133 -3.43 -35.93 16.62
C GLU A 133 -2.65 -37.09 16.00
N THR A 134 -3.16 -37.62 14.89
CA THR A 134 -2.52 -38.76 14.23
C THR A 134 -1.23 -38.37 13.51
N MET A 135 -1.11 -37.11 13.11
CA MET A 135 0.15 -36.61 12.54
C MET A 135 1.23 -36.50 13.62
N LEU A 136 0.85 -35.94 14.77
CA LEU A 136 1.75 -35.82 15.92
C LEU A 136 2.20 -37.20 16.44
N ASP A 137 1.28 -38.16 16.48
CA ASP A 137 1.59 -39.54 16.85
C ASP A 137 2.70 -40.14 15.97
N ARG A 138 2.57 -39.95 14.66
CA ARG A 138 3.54 -40.48 13.68
C ARG A 138 4.96 -39.96 13.90
N TYR A 139 5.09 -38.67 14.18
CA TYR A 139 6.39 -38.03 14.33
C TYR A 139 7.14 -38.48 15.58
N PHE A 140 6.42 -38.70 16.67
CA PHE A 140 7.05 -38.99 17.97
C PHE A 140 7.47 -40.44 18.22
N GLU A 141 6.76 -41.39 17.60
CA GLU A 141 7.19 -42.79 17.64
C GLU A 141 8.17 -43.12 16.50
N ALA A 142 8.40 -42.15 15.62
CA ALA A 142 9.49 -42.20 14.65
C ALA A 142 10.66 -41.30 15.10
N TYR A 143 10.47 -40.67 16.27
CA TYR A 143 11.51 -39.85 16.90
C TYR A 143 12.24 -40.70 17.95
N ARG B 2 32.40 -2.44 -1.53
CA ARG B 2 30.93 -2.20 -1.46
C ARG B 2 30.21 -3.21 -0.56
N ARG B 3 29.46 -2.71 0.42
CA ARG B 3 28.78 -3.58 1.37
C ARG B 3 27.53 -4.24 0.81
N SER B 4 27.12 -5.35 1.42
CA SER B 4 25.92 -6.08 1.01
C SER B 4 24.74 -5.82 1.95
N VAL B 5 23.58 -5.58 1.36
CA VAL B 5 22.35 -5.38 2.11
C VAL B 5 21.34 -6.47 1.71
N TYR B 6 20.74 -7.08 2.73
CA TYR B 6 19.67 -8.07 2.55
C TYR B 6 18.36 -7.43 3.02
N PHE B 7 17.38 -7.33 2.13
CA PHE B 7 16.09 -6.72 2.48
C PHE B 7 14.99 -7.78 2.64
N CYS B 8 14.21 -7.66 3.72
CA CYS B 8 13.14 -8.62 4.05
C CYS B 8 11.76 -7.96 4.01
N GLY B 9 10.82 -8.59 3.33
CA GLY B 9 9.47 -8.05 3.23
C GLY B 9 8.47 -9.14 2.90
N SER B 10 7.29 -9.06 3.51
CA SER B 10 6.23 -10.05 3.34
C SER B 10 5.90 -10.30 1.87
N ILE B 11 5.77 -11.57 1.51
CA ILE B 11 5.33 -11.96 0.18
C ILE B 11 4.07 -12.83 0.30
N ARG B 12 4.21 -14.05 0.77
CA ARG B 12 3.03 -14.89 0.98
C ARG B 12 2.20 -14.50 2.23
N GLY B 13 2.82 -13.74 3.13
CA GLY B 13 2.08 -13.08 4.21
C GLY B 13 1.19 -11.96 3.69
N GLY B 14 1.44 -11.55 2.45
CA GLY B 14 0.64 -10.51 1.79
C GLY B 14 1.51 -9.44 1.16
N ARG B 15 1.08 -8.97 -0.01
CA ARG B 15 1.84 -7.99 -0.78
C ARG B 15 1.37 -6.53 -0.55
N GLU B 16 0.58 -6.30 0.51
CA GLU B 16 0.00 -4.97 0.79
C GLU B 16 0.98 -3.80 0.76
N ASP B 17 2.19 -4.02 1.25
CA ASP B 17 3.18 -2.94 1.39
C ASP B 17 4.24 -2.99 0.28
N GLN B 18 3.95 -3.74 -0.78
CA GLN B 18 4.86 -3.97 -1.92
C GLN B 18 5.48 -2.70 -2.50
N ALA B 19 4.67 -1.65 -2.64
CA ALA B 19 5.13 -0.40 -3.24
C ALA B 19 6.10 0.31 -2.30
N LEU B 20 5.82 0.20 -1.01
CA LEU B 20 6.71 0.69 0.03
C LEU B 20 8.03 -0.12 0.08
N TYR B 21 7.98 -1.41 -0.23
CA TYR B 21 9.21 -2.21 -0.30
C TYR B 21 10.12 -1.73 -1.44
N ALA B 22 9.50 -1.36 -2.57
CA ALA B 22 10.22 -0.82 -3.72
C ALA B 22 10.95 0.48 -3.40
N ARG B 23 10.33 1.34 -2.59
CA ARG B 23 10.96 2.58 -2.16
C ARG B 23 12.15 2.29 -1.25
N ILE B 24 11.97 1.37 -0.31
CA ILE B 24 13.05 0.98 0.59
C ILE B 24 14.24 0.43 -0.21
N VAL B 25 13.97 -0.53 -1.10
CA VAL B 25 15.02 -1.13 -1.94
C VAL B 25 15.76 -0.05 -2.78
N SER B 26 15.00 0.88 -3.37
CA SER B 26 15.59 1.98 -4.15
C SER B 26 16.55 2.82 -3.32
N ARG B 27 16.17 3.09 -2.07
CA ARG B 27 16.98 3.90 -1.17
C ARG B 27 18.24 3.15 -0.72
N LEU B 28 18.07 1.85 -0.43
CA LEU B 28 19.17 0.98 0.01
C LEU B 28 20.31 0.90 -1.00
N ARG B 29 19.97 1.03 -2.28
CA ARG B 29 20.95 0.99 -3.37
C ARG B 29 22.03 2.08 -3.24
N ARG B 30 21.73 3.14 -2.48
CA ARG B 30 22.71 4.20 -2.21
C ARG B 30 23.75 3.76 -1.18
N TYR B 31 23.42 2.73 -0.42
CA TYR B 31 24.20 2.33 0.73
C TYR B 31 24.87 0.98 0.54
N GLY B 32 24.55 0.31 -0.56
CA GLY B 32 25.20 -0.95 -0.90
C GLY B 32 24.50 -1.71 -2.00
N LYS B 33 25.04 -2.88 -2.31
CA LYS B 33 24.42 -3.81 -3.24
C LYS B 33 23.29 -4.52 -2.51
N VAL B 34 22.10 -4.46 -3.09
CA VAL B 34 20.93 -5.14 -2.56
C VAL B 34 20.90 -6.56 -3.10
N LEU B 35 21.04 -7.52 -2.21
CA LEU B 35 21.21 -8.92 -2.58
C LEU B 35 19.90 -9.57 -3.05
N THR B 36 18.80 -9.16 -2.42
CA THR B 36 17.50 -9.80 -2.60
C THR B 36 16.72 -9.22 -3.80
N GLY B 54 10.16 -25.33 -6.50
CA GLY B 54 11.46 -24.67 -6.44
C GLY B 54 11.72 -23.97 -5.12
N ASP B 55 11.10 -24.47 -4.06
CA ASP B 55 11.17 -23.84 -2.73
C ASP B 55 12.53 -24.00 -2.04
N GLN B 56 13.15 -25.16 -2.19
CA GLN B 56 14.49 -25.41 -1.64
C GLN B 56 15.51 -24.44 -2.22
N PHE B 57 15.45 -24.23 -3.53
CA PHE B 57 16.36 -23.30 -4.20
C PHE B 57 16.17 -21.88 -3.69
N ILE B 58 14.91 -21.47 -3.53
CA ILE B 58 14.59 -20.19 -2.94
C ILE B 58 15.23 -20.07 -1.56
N HIS B 59 15.03 -21.10 -0.73
CA HIS B 59 15.56 -21.11 0.63
C HIS B 59 17.09 -21.09 0.66
N GLU B 60 17.72 -21.90 -0.18
CA GLU B 60 19.17 -22.01 -0.20
C GLU B 60 19.84 -20.76 -0.77
N GLN B 61 19.26 -20.20 -1.83
CA GLN B 61 19.78 -18.97 -2.43
C GLN B 61 19.70 -17.82 -1.41
N ASN B 62 18.55 -17.71 -0.75
CA ASN B 62 18.35 -16.73 0.30
C ASN B 62 19.32 -16.89 1.47
N LEU B 63 19.50 -18.12 1.95
CA LEU B 63 20.47 -18.39 3.02
C LEU B 63 21.89 -18.06 2.60
N ASN B 64 22.21 -18.37 1.35
CA ASN B 64 23.49 -17.99 0.76
C ASN B 64 23.70 -16.46 0.81
N TRP B 65 22.73 -15.71 0.27
CA TRP B 65 22.78 -14.25 0.28
C TRP B 65 22.83 -13.67 1.70
N LEU B 66 22.12 -14.31 2.63
CA LEU B 66 22.04 -13.85 4.02
C LEU B 66 23.40 -13.90 4.71
N GLN B 67 24.15 -14.99 4.46
CA GLN B 67 25.54 -15.12 4.92
C GLN B 67 26.48 -14.09 4.32
N GLN B 68 26.22 -13.68 3.08
CA GLN B 68 27.06 -12.68 2.40
C GLN B 68 26.82 -11.27 2.95
N ALA B 69 25.58 -10.99 3.34
CA ALA B 69 25.18 -9.65 3.74
C ALA B 69 25.97 -9.08 4.93
N ASP B 70 26.24 -7.77 4.85
CA ASP B 70 26.86 -7.03 5.95
C ASP B 70 25.79 -6.46 6.87
N VAL B 71 24.61 -6.22 6.31
CA VAL B 71 23.47 -5.70 7.06
C VAL B 71 22.15 -6.27 6.53
N VAL B 72 21.21 -6.46 7.46
CA VAL B 72 19.88 -6.99 7.17
C VAL B 72 18.83 -5.95 7.54
N VAL B 73 17.96 -5.62 6.58
CA VAL B 73 16.90 -4.65 6.78
C VAL B 73 15.58 -5.33 6.49
N ALA B 74 14.65 -5.24 7.45
CA ALA B 74 13.33 -5.82 7.28
C ALA B 74 12.26 -4.79 7.55
N GLU B 75 11.20 -4.83 6.74
CA GLU B 75 9.97 -4.10 7.00
C GLU B 75 9.02 -5.12 7.61
N VAL B 76 8.67 -4.92 8.87
CA VAL B 76 7.96 -5.93 9.65
C VAL B 76 6.54 -5.55 10.01
N THR B 77 5.97 -4.60 9.28
CA THR B 77 4.58 -4.20 9.48
C THR B 77 3.58 -5.32 9.13
N GLN B 78 3.75 -5.92 7.94
CA GLN B 78 2.91 -7.03 7.52
C GLN B 78 3.46 -8.36 8.10
N PRO B 79 2.66 -9.05 8.93
CA PRO B 79 3.11 -10.34 9.49
C PRO B 79 3.48 -11.33 8.39
N SER B 80 4.62 -12.00 8.57
CA SER B 80 5.13 -12.93 7.58
C SER B 80 6.06 -13.97 8.21
N LEU B 81 5.81 -15.23 7.89
CA LEU B 81 6.66 -16.35 8.33
C LEU B 81 8.09 -16.21 7.82
N GLY B 82 8.22 -15.93 6.52
CA GLY B 82 9.53 -15.81 5.87
C GLY B 82 10.40 -14.68 6.41
N VAL B 83 9.79 -13.52 6.63
CA VAL B 83 10.52 -12.37 7.20
C VAL B 83 11.04 -12.74 8.58
N GLY B 84 10.17 -13.32 9.42
CA GLY B 84 10.55 -13.72 10.77
C GLY B 84 11.69 -14.73 10.76
N TYR B 85 11.55 -15.76 9.91
CA TYR B 85 12.56 -16.80 9.74
C TYR B 85 13.90 -16.20 9.28
N GLU B 86 13.84 -15.30 8.30
CA GLU B 86 15.03 -14.59 7.84
C GLU B 86 15.71 -13.86 9.00
N LEU B 87 14.94 -13.07 9.75
CA LEU B 87 15.42 -12.39 10.96
C LEU B 87 16.07 -13.35 11.95
N GLY B 88 15.44 -14.50 12.16
CA GLY B 88 15.93 -15.51 13.11
C GLY B 88 17.29 -16.09 12.72
N ARG B 89 17.43 -16.46 11.45
CA ARG B 89 18.71 -16.93 10.91
C ARG B 89 19.76 -15.82 10.92
N ALA B 90 19.32 -14.58 10.70
CA ALA B 90 20.21 -13.44 10.65
C ALA B 90 20.80 -13.11 12.03
N VAL B 91 19.97 -13.16 13.08
CA VAL B 91 20.44 -12.94 14.44
C VAL B 91 21.50 -13.99 14.81
N ALA B 92 21.23 -15.25 14.50
CA ALA B 92 22.14 -16.35 14.81
C ALA B 92 23.47 -16.24 14.07
N LEU B 93 23.44 -15.61 12.89
CA LEU B 93 24.65 -15.36 12.09
C LEU B 93 25.43 -14.12 12.53
N GLY B 94 24.94 -13.45 13.57
CA GLY B 94 25.57 -12.24 14.09
C GLY B 94 25.45 -11.01 13.22
N LYS B 95 24.41 -10.95 12.37
CA LYS B 95 24.22 -9.81 11.46
C LYS B 95 23.61 -8.59 12.15
N PRO B 96 24.08 -7.38 11.78
CA PRO B 96 23.37 -6.17 12.25
C PRO B 96 22.03 -6.09 11.56
N ILE B 97 20.97 -5.82 12.32
CA ILE B 97 19.61 -5.82 11.81
C ILE B 97 18.87 -4.51 12.07
N LEU B 98 18.20 -3.99 11.06
CA LEU B 98 17.21 -2.92 11.26
C LEU B 98 15.82 -3.39 10.88
N CYS B 99 14.89 -3.32 11.84
CA CYS B 99 13.48 -3.55 11.54
C CYS B 99 12.74 -2.24 11.53
N LEU B 100 11.90 -2.06 10.52
CA LEU B 100 11.09 -0.85 10.39
C LEU B 100 9.62 -1.24 10.49
N PHE B 101 8.93 -0.67 11.47
CA PHE B 101 7.52 -0.98 11.70
C PHE B 101 6.69 0.31 11.70
N ARG B 102 5.48 0.24 11.14
CA ARG B 102 4.56 1.39 11.11
C ARG B 102 3.47 1.25 12.17
N PRO B 103 3.56 2.01 13.27
CA PRO B 103 2.53 1.87 14.30
C PRO B 103 1.15 2.33 13.86
N GLN B 104 1.07 3.29 12.95
CA GLN B 104 -0.23 3.79 12.48
C GLN B 104 -1.02 2.79 11.62
N SER B 105 -0.42 1.63 11.36
CA SER B 105 -1.07 0.54 10.66
C SER B 105 -2.17 -0.10 11.51
N GLY B 106 -2.17 0.22 12.80
CA GLY B 106 -3.17 -0.30 13.73
C GLY B 106 -2.76 -1.61 14.40
N ARG B 107 -1.62 -2.16 13.97
CA ARG B 107 -1.08 -3.41 14.50
C ARG B 107 -0.19 -3.22 15.72
N VAL B 108 -0.14 -4.23 16.57
CA VAL B 108 0.89 -4.31 17.59
C VAL B 108 1.98 -5.25 17.06
N LEU B 109 3.22 -4.78 17.02
CA LEU B 109 4.32 -5.60 16.48
C LEU B 109 4.57 -6.84 17.33
N SER B 110 4.80 -7.95 16.63
CA SER B 110 5.22 -9.20 17.26
C SER B 110 6.17 -8.96 18.42
N ALA B 111 5.82 -9.50 19.59
CA ALA B 111 6.66 -9.42 20.78
C ALA B 111 8.06 -9.98 20.51
N MET B 112 8.12 -11.03 19.69
CA MET B 112 9.40 -11.70 19.38
C MET B 112 10.35 -10.83 18.56
N ILE B 113 9.78 -9.95 17.75
CA ILE B 113 10.58 -9.00 16.97
C ILE B 113 10.92 -7.78 17.82
N ARG B 114 9.91 -7.18 18.43
CA ARG B 114 10.10 -5.98 19.25
C ARG B 114 11.01 -6.25 20.43
N GLY B 115 10.82 -7.40 21.06
CA GLY B 115 11.61 -7.82 22.21
C GLY B 115 13.02 -8.26 21.88
N ALA B 116 13.30 -8.52 20.60
CA ALA B 116 14.67 -8.83 20.14
C ALA B 116 15.55 -7.58 20.03
N ALA B 117 14.95 -6.40 20.11
CA ALA B 117 15.69 -5.15 19.92
C ALA B 117 16.56 -4.83 21.14
N ASP B 118 17.87 -4.83 20.93
CA ASP B 118 18.83 -4.50 21.99
C ASP B 118 19.41 -3.08 21.84
N GLY B 119 18.99 -2.37 20.80
CA GLY B 119 19.42 -1.00 20.57
C GLY B 119 20.72 -0.85 19.78
N SER B 120 21.44 -1.95 19.56
CA SER B 120 22.67 -1.91 18.75
C SER B 120 22.66 -2.89 17.58
N ARG B 121 22.94 -4.16 17.87
CA ARG B 121 22.99 -5.22 16.85
C ARG B 121 21.60 -5.53 16.28
N PHE B 122 20.58 -5.45 17.13
CA PHE B 122 19.21 -5.61 16.69
C PHE B 122 18.44 -4.34 17.05
N GLN B 123 17.97 -3.63 16.03
CA GLN B 123 17.24 -2.37 16.24
C GLN B 123 15.85 -2.43 15.60
N VAL B 124 14.87 -1.82 16.25
CA VAL B 124 13.51 -1.76 15.74
C VAL B 124 13.05 -0.31 15.76
N TRP B 125 12.74 0.24 14.58
CA TRP B 125 12.37 1.67 14.46
C TRP B 125 10.91 1.84 14.02
N ASP B 126 10.14 2.55 14.86
CA ASP B 126 8.78 2.96 14.55
C ASP B 126 8.81 4.14 13.58
N TYR B 127 8.04 4.09 12.50
CA TYR B 127 8.05 5.19 11.53
C TYR B 127 6.69 5.46 10.88
N ALA B 128 6.56 6.62 10.24
CA ALA B 128 5.37 6.99 9.46
C ALA B 128 5.62 6.74 7.98
N GLU B 129 4.60 6.29 7.25
CA GLU B 129 4.79 5.82 5.87
C GLU B 129 5.66 6.71 4.98
N GLY B 130 5.54 8.02 5.15
CA GLY B 130 6.27 8.99 4.33
C GLY B 130 7.71 9.27 4.77
N GLU B 131 8.10 8.69 5.90
CA GLU B 131 9.40 8.95 6.53
C GLU B 131 10.47 7.93 6.15
N VAL B 132 10.08 6.91 5.40
CA VAL B 132 10.93 5.73 5.30
C VAL B 132 12.37 6.03 4.85
N GLU B 133 12.50 6.92 3.87
CA GLU B 133 13.80 7.29 3.30
C GLU B 133 14.70 7.97 4.31
N THR B 134 14.14 8.91 5.05
CA THR B 134 14.89 9.67 6.05
C THR B 134 15.32 8.75 7.19
N MET B 135 14.48 7.78 7.53
CA MET B 135 14.83 6.74 8.51
C MET B 135 16.03 5.92 8.06
N LEU B 136 16.02 5.50 6.80
CA LEU B 136 17.12 4.69 6.25
C LEU B 136 18.43 5.47 6.27
N ASP B 137 18.37 6.72 5.82
CA ASP B 137 19.52 7.62 5.85
C ASP B 137 20.07 7.77 7.28
N ARG B 138 19.18 7.97 8.25
CA ARG B 138 19.56 8.10 9.65
C ARG B 138 20.34 6.88 10.17
N TYR B 139 19.86 5.68 9.85
CA TYR B 139 20.52 4.45 10.32
C TYR B 139 21.89 4.24 9.68
N PHE B 140 21.97 4.48 8.37
CA PHE B 140 23.19 4.22 7.63
C PHE B 140 24.24 5.29 7.82
N GLU B 141 23.81 6.53 8.01
CA GLU B 141 24.70 7.64 8.33
C GLU B 141 25.28 7.50 9.74
N ALA B 142 24.77 6.53 10.50
CA ALA B 142 25.32 6.17 11.81
C ALA B 142 26.11 4.85 11.77
N TYR B 143 25.65 3.90 10.96
CA TYR B 143 26.30 2.58 10.80
C TYR B 143 27.79 2.69 10.43
N ARG C 2 -12.72 41.24 -24.80
CA ARG C 2 -11.57 40.30 -24.97
C ARG C 2 -11.86 38.92 -24.34
N ARG C 3 -11.56 37.87 -25.09
CA ARG C 3 -11.73 36.47 -24.66
C ARG C 3 -10.99 36.16 -23.36
N SER C 4 -11.58 35.30 -22.52
CA SER C 4 -10.97 34.86 -21.26
C SER C 4 -10.52 33.41 -21.32
N VAL C 5 -9.32 33.14 -20.79
CA VAL C 5 -8.71 31.82 -20.82
C VAL C 5 -8.31 31.36 -19.42
N TYR C 6 -8.75 30.17 -19.04
CA TYR C 6 -8.37 29.53 -17.78
C TYR C 6 -7.37 28.43 -18.09
N PHE C 7 -6.20 28.50 -17.46
CA PHE C 7 -5.18 27.47 -17.68
C PHE C 7 -5.01 26.60 -16.44
N CYS C 8 -5.03 25.28 -16.66
CA CYS C 8 -4.86 24.27 -15.60
C CYS C 8 -3.53 23.53 -15.74
N GLY C 9 -2.79 23.42 -14.63
CA GLY C 9 -1.57 22.62 -14.58
C GLY C 9 -1.21 22.16 -13.17
N SER C 10 -0.64 20.96 -13.05
CA SER C 10 -0.28 20.37 -11.77
C SER C 10 0.54 21.32 -10.89
N ILE C 11 0.23 21.32 -9.58
CA ILE C 11 0.99 22.08 -8.59
C ILE C 11 1.39 21.17 -7.43
N ARG C 12 0.42 20.74 -6.63
CA ARG C 12 0.67 19.79 -5.54
C ARG C 12 0.88 18.37 -6.07
N GLY C 13 0.42 18.12 -7.30
CA GLY C 13 0.67 16.85 -7.99
C GLY C 13 2.11 16.76 -8.44
N GLY C 14 2.81 17.90 -8.37
CA GLY C 14 4.22 17.98 -8.74
C GLY C 14 4.43 19.09 -9.77
N ARG C 15 5.53 19.83 -9.63
CA ARG C 15 5.76 21.01 -10.47
C ARG C 15 6.80 20.77 -11.56
N GLU C 16 7.02 19.51 -11.91
CA GLU C 16 8.06 19.14 -12.89
C GLU C 16 7.89 19.75 -14.30
N ASP C 17 6.66 20.13 -14.63
CA ASP C 17 6.35 20.74 -15.92
C ASP C 17 6.08 22.25 -15.79
N GLN C 18 6.57 22.81 -14.68
CA GLN C 18 6.37 24.23 -14.32
C GLN C 18 6.83 25.22 -15.38
N ALA C 19 8.03 25.01 -15.92
CA ALA C 19 8.58 25.89 -16.95
C ALA C 19 7.78 25.81 -18.26
N LEU C 20 7.30 24.62 -18.58
CA LEU C 20 6.40 24.41 -19.73
C LEU C 20 5.08 25.16 -19.59
N TYR C 21 4.49 25.17 -18.38
CA TYR C 21 3.24 25.87 -18.12
C TYR C 21 3.36 27.36 -18.42
N ALA C 22 4.50 27.95 -18.02
CA ALA C 22 4.74 29.38 -18.21
C ALA C 22 4.82 29.76 -19.69
N ARG C 23 5.40 28.87 -20.49
CA ARG C 23 5.46 29.03 -21.94
C ARG C 23 4.09 28.92 -22.61
N ILE C 24 3.22 28.09 -22.03
CA ILE C 24 1.84 27.97 -22.49
C ILE C 24 1.11 29.26 -22.17
N VAL C 25 1.28 29.72 -20.92
CA VAL C 25 0.66 30.97 -20.47
C VAL C 25 1.07 32.09 -21.43
N SER C 26 2.37 32.20 -21.71
CA SER C 26 2.87 33.24 -22.61
C SER C 26 2.12 33.23 -23.95
N ARG C 27 2.04 32.07 -24.59
CA ARG C 27 1.34 31.96 -25.88
C ARG C 27 -0.16 32.22 -25.78
N LEU C 28 -0.79 31.78 -24.68
CA LEU C 28 -2.22 32.02 -24.45
C LEU C 28 -2.57 33.50 -24.43
N ARG C 29 -1.62 34.33 -23.97
CA ARG C 29 -1.83 35.76 -23.82
C ARG C 29 -2.12 36.46 -25.16
N ARG C 30 -1.69 35.83 -26.26
CA ARG C 30 -1.97 36.31 -27.61
C ARG C 30 -3.42 36.13 -28.02
N TYR C 31 -4.11 35.18 -27.37
CA TYR C 31 -5.46 34.83 -27.76
C TYR C 31 -6.53 35.30 -26.79
N GLY C 32 -6.12 35.80 -25.63
CA GLY C 32 -7.05 36.32 -24.63
C GLY C 32 -6.42 36.62 -23.28
N LYS C 33 -7.24 37.07 -22.34
CA LYS C 33 -6.82 37.34 -20.98
C LYS C 33 -6.70 36.02 -20.20
N VAL C 34 -5.49 35.70 -19.73
CA VAL C 34 -5.29 34.53 -18.90
C VAL C 34 -5.66 34.87 -17.46
N LEU C 35 -6.62 34.14 -16.90
CA LEU C 35 -7.21 34.48 -15.61
C LEU C 35 -6.45 33.90 -14.42
N THR C 36 -5.82 32.74 -14.64
CA THR C 36 -5.10 32.03 -13.58
C THR C 36 -3.66 32.54 -13.41
N GLY C 54 -8.16 30.10 3.48
CA GLY C 54 -6.94 29.79 2.75
C GLY C 54 -7.21 28.97 1.50
N ASP C 55 -7.36 27.65 1.67
CA ASP C 55 -7.69 26.76 0.56
C ASP C 55 -9.11 26.99 0.04
N GLN C 56 -10.01 27.35 0.96
CA GLN C 56 -11.37 27.79 0.64
C GLN C 56 -11.39 28.99 -0.32
N PHE C 57 -10.58 30.00 -0.02
CA PHE C 57 -10.50 31.21 -0.84
C PHE C 57 -9.98 30.90 -2.24
N ILE C 58 -8.95 30.06 -2.32
CA ILE C 58 -8.40 29.59 -3.58
C ILE C 58 -9.44 28.87 -4.43
N HIS C 59 -10.28 28.05 -3.79
CA HIS C 59 -11.31 27.30 -4.49
C HIS C 59 -12.37 28.23 -5.09
N GLU C 60 -12.90 29.14 -4.26
CA GLU C 60 -13.97 30.04 -4.69
C GLU C 60 -13.51 31.04 -5.75
N GLN C 61 -12.28 31.55 -5.60
CA GLN C 61 -11.63 32.41 -6.60
C GLN C 61 -11.45 31.69 -7.94
N ASN C 62 -10.92 30.48 -7.90
CA ASN C 62 -10.75 29.66 -9.10
C ASN C 62 -12.09 29.31 -9.78
N LEU C 63 -13.08 28.94 -8.97
CA LEU C 63 -14.41 28.65 -9.50
C LEU C 63 -15.05 29.85 -10.17
N ASN C 64 -14.83 31.04 -9.61
CA ASN C 64 -15.25 32.29 -10.24
C ASN C 64 -14.60 32.56 -11.59
N TRP C 65 -13.28 32.35 -11.67
CA TRP C 65 -12.56 32.49 -12.93
C TRP C 65 -13.02 31.45 -13.95
N LEU C 66 -13.35 30.26 -13.46
CA LEU C 66 -13.81 29.17 -14.33
C LEU C 66 -15.14 29.53 -15.00
N GLN C 67 -16.05 30.11 -14.24
CA GLN C 67 -17.33 30.56 -14.78
C GLN C 67 -17.20 31.70 -15.81
N GLN C 68 -16.22 32.58 -15.60
CA GLN C 68 -15.95 33.69 -16.54
C GLN C 68 -15.21 33.26 -17.81
N ALA C 69 -14.44 32.18 -17.73
CA ALA C 69 -13.61 31.70 -18.84
C ALA C 69 -14.40 31.34 -20.11
N ASP C 70 -13.84 31.72 -21.27
CA ASP C 70 -14.44 31.37 -22.54
C ASP C 70 -13.93 30.02 -23.02
N VAL C 71 -12.73 29.66 -22.56
CA VAL C 71 -12.09 28.40 -22.93
C VAL C 71 -11.18 27.93 -21.79
N VAL C 72 -11.18 26.62 -21.56
CA VAL C 72 -10.33 26.02 -20.56
C VAL C 72 -9.22 25.25 -21.26
N VAL C 73 -7.97 25.51 -20.88
CA VAL C 73 -6.83 24.79 -21.41
C VAL C 73 -6.06 24.14 -20.28
N ALA C 74 -5.83 22.84 -20.39
CA ALA C 74 -5.09 22.12 -19.37
C ALA C 74 -3.90 21.35 -19.95
N GLU C 75 -2.79 21.35 -19.21
CA GLU C 75 -1.67 20.46 -19.51
C GLU C 75 -1.79 19.28 -18.54
N VAL C 76 -2.08 18.10 -19.09
CA VAL C 76 -2.49 16.96 -18.28
C VAL C 76 -1.46 15.84 -18.22
N THR C 77 -0.22 16.14 -18.59
CA THR C 77 0.87 15.16 -18.49
C THR C 77 1.14 14.75 -17.03
N GLN C 78 1.33 15.72 -16.13
CA GLN C 78 1.51 15.40 -14.70
C GLN C 78 0.18 15.08 -13.99
N PRO C 79 0.06 13.89 -13.40
CA PRO C 79 -1.19 13.58 -12.69
C PRO C 79 -1.48 14.58 -11.58
N SER C 80 -2.72 15.06 -11.52
CA SER C 80 -3.09 16.11 -10.56
C SER C 80 -4.58 16.08 -10.19
N LEU C 81 -4.83 16.01 -8.89
CA LEU C 81 -6.19 16.10 -8.35
C LEU C 81 -6.86 17.40 -8.79
N GLY C 82 -6.18 18.53 -8.59
CA GLY C 82 -6.73 19.85 -8.86
C GLY C 82 -7.07 20.09 -10.33
N VAL C 83 -6.16 19.66 -11.23
CA VAL C 83 -6.41 19.73 -12.68
C VAL C 83 -7.66 18.92 -13.05
N GLY C 84 -7.71 17.66 -12.64
CA GLY C 84 -8.88 16.82 -12.92
C GLY C 84 -10.17 17.53 -12.47
N TYR C 85 -10.17 18.02 -11.23
CA TYR C 85 -11.32 18.68 -10.62
C TYR C 85 -11.73 19.95 -11.37
N GLU C 86 -10.74 20.76 -11.75
CA GLU C 86 -10.99 21.92 -12.60
C GLU C 86 -11.63 21.45 -13.90
N LEU C 87 -11.08 20.41 -14.52
CA LEU C 87 -11.64 19.87 -15.76
C LEU C 87 -13.04 19.33 -15.56
N GLY C 88 -13.29 18.69 -14.43
CA GLY C 88 -14.62 18.17 -14.09
C GLY C 88 -15.68 19.24 -13.93
N ARG C 89 -15.34 20.33 -13.23
CA ARG C 89 -16.25 21.48 -13.08
C ARG C 89 -16.49 22.16 -14.43
N ALA C 90 -15.43 22.29 -15.22
CA ALA C 90 -15.51 22.94 -16.52
C ALA C 90 -16.46 22.24 -17.49
N VAL C 91 -16.47 20.91 -17.49
CA VAL C 91 -17.39 20.13 -18.33
C VAL C 91 -18.86 20.40 -17.96
N ALA C 92 -19.14 20.38 -16.65
CA ALA C 92 -20.49 20.66 -16.16
C ALA C 92 -20.92 22.11 -16.43
N LEU C 93 -19.95 23.02 -16.54
CA LEU C 93 -20.24 24.41 -16.91
C LEU C 93 -20.35 24.63 -18.44
N GLY C 94 -20.23 23.54 -19.20
CA GLY C 94 -20.36 23.58 -20.64
C GLY C 94 -19.27 24.35 -21.36
N LYS C 95 -18.08 24.42 -20.76
CA LYS C 95 -16.92 25.14 -21.33
C LYS C 95 -16.20 24.36 -22.44
N PRO C 96 -15.70 25.06 -23.48
CA PRO C 96 -14.79 24.40 -24.41
C PRO C 96 -13.46 24.06 -23.72
N ILE C 97 -13.02 22.82 -23.90
CA ILE C 97 -11.84 22.32 -23.22
C ILE C 97 -10.79 21.79 -24.18
N LEU C 98 -9.55 22.24 -24.00
CA LEU C 98 -8.42 21.64 -24.68
C LEU C 98 -7.43 21.09 -23.66
N CYS C 99 -7.12 19.81 -23.81
CA CYS C 99 -6.18 19.13 -22.93
C CYS C 99 -4.93 18.82 -23.74
N LEU C 100 -3.77 19.10 -23.16
CA LEU C 100 -2.50 18.83 -23.85
C LEU C 100 -1.74 17.78 -23.05
N PHE C 101 -1.49 16.66 -23.72
CA PHE C 101 -0.76 15.56 -23.13
C PHE C 101 0.50 15.22 -23.95
N ARG C 102 1.53 14.76 -23.27
CA ARG C 102 2.84 14.56 -23.85
C ARG C 102 3.24 13.09 -23.73
N PRO C 103 3.02 12.27 -24.77
CA PRO C 103 3.31 10.83 -24.72
C PRO C 103 4.78 10.47 -24.48
N GLN C 104 5.70 11.30 -24.98
CA GLN C 104 7.14 11.07 -24.80
C GLN C 104 7.60 11.07 -23.33
N SER C 105 6.69 11.44 -22.43
CA SER C 105 6.93 11.41 -20.98
C SER C 105 6.94 9.99 -20.41
N GLY C 106 6.48 9.03 -21.20
CA GLY C 106 6.40 7.63 -20.76
C GLY C 106 5.16 7.29 -19.94
N ARG C 107 4.23 8.24 -19.86
CA ARG C 107 2.98 8.07 -19.12
C ARG C 107 1.83 7.67 -20.05
N VAL C 108 0.87 6.93 -19.53
CA VAL C 108 -0.41 6.76 -20.20
C VAL C 108 -1.40 7.72 -19.55
N LEU C 109 -2.06 8.53 -20.36
CA LEU C 109 -3.06 9.47 -19.87
C LEU C 109 -4.27 8.74 -19.29
N SER C 110 -4.70 9.22 -18.13
CA SER C 110 -5.92 8.79 -17.45
C SER C 110 -7.08 8.53 -18.40
N ALA C 111 -7.69 7.36 -18.27
CA ALA C 111 -8.86 7.00 -19.08
C ALA C 111 -10.00 8.00 -18.95
N MET C 112 -10.16 8.60 -17.77
CA MET C 112 -11.25 9.57 -17.56
C MET C 112 -11.05 10.86 -18.36
N ILE C 113 -9.80 11.25 -18.57
CA ILE C 113 -9.49 12.46 -19.30
C ILE C 113 -9.55 12.20 -20.81
N ARG C 114 -8.82 11.18 -21.28
CA ARG C 114 -8.86 10.84 -22.70
C ARG C 114 -10.26 10.39 -23.14
N GLY C 115 -10.94 9.67 -22.25
CA GLY C 115 -12.30 9.23 -22.50
C GLY C 115 -13.35 10.31 -22.46
N ALA C 116 -13.00 11.49 -21.94
CA ALA C 116 -13.96 12.61 -21.91
C ALA C 116 -14.01 13.34 -23.26
N ALA C 117 -13.01 13.09 -24.11
CA ALA C 117 -12.90 13.79 -25.38
C ALA C 117 -13.97 13.36 -26.37
N ASP C 118 -14.67 14.35 -26.94
CA ASP C 118 -15.72 14.10 -27.93
C ASP C 118 -15.39 14.75 -29.27
N GLY C 119 -14.20 15.34 -29.35
CA GLY C 119 -13.73 15.94 -30.59
C GLY C 119 -14.19 17.36 -30.87
N SER C 120 -15.17 17.86 -30.11
CA SER C 120 -15.57 19.26 -30.25
C SER C 120 -15.44 20.08 -28.95
N ARG C 121 -16.36 19.90 -28.02
CA ARG C 121 -16.34 20.67 -26.76
C ARG C 121 -15.20 20.21 -25.81
N PHE C 122 -14.81 18.95 -25.92
CA PHE C 122 -13.72 18.41 -25.13
C PHE C 122 -12.71 17.72 -26.06
N GLN C 123 -11.53 18.31 -26.15
CA GLN C 123 -10.51 17.82 -27.05
C GLN C 123 -9.25 17.50 -26.27
N VAL C 124 -8.64 16.37 -26.60
CA VAL C 124 -7.34 16.01 -26.06
C VAL C 124 -6.33 15.88 -27.20
N TRP C 125 -5.26 16.67 -27.13
CA TRP C 125 -4.23 16.68 -28.15
C TRP C 125 -2.92 16.12 -27.59
N ASP C 126 -2.33 15.19 -28.35
CA ASP C 126 -1.00 14.65 -28.05
C ASP C 126 0.06 15.48 -28.74
N TYR C 127 1.11 15.87 -28.01
CA TYR C 127 2.20 16.67 -28.58
C TYR C 127 3.58 16.28 -28.02
N ALA C 128 4.63 16.80 -28.65
CA ALA C 128 6.01 16.59 -28.21
C ALA C 128 6.62 17.95 -27.88
N GLU C 129 7.57 18.01 -26.95
CA GLU C 129 8.16 19.30 -26.60
C GLU C 129 8.75 20.00 -27.83
N GLY C 130 8.48 21.31 -27.92
CA GLY C 130 8.83 22.09 -29.10
C GLY C 130 7.61 22.39 -29.94
N GLU C 131 6.59 21.53 -29.81
CA GLU C 131 5.36 21.66 -30.58
C GLU C 131 4.28 22.50 -29.88
N VAL C 132 4.43 22.69 -28.58
CA VAL C 132 3.33 23.24 -27.75
C VAL C 132 2.72 24.55 -28.28
N GLU C 133 3.55 25.44 -28.82
CA GLU C 133 3.08 26.71 -29.34
C GLU C 133 2.24 26.58 -30.60
N THR C 134 2.70 25.76 -31.54
CA THR C 134 1.99 25.56 -32.80
C THR C 134 0.68 24.79 -32.60
N MET C 135 0.62 23.97 -31.54
CA MET C 135 -0.61 23.29 -31.16
C MET C 135 -1.65 24.30 -30.67
N LEU C 136 -1.22 25.20 -29.78
CA LEU C 136 -2.07 26.28 -29.31
C LEU C 136 -2.55 27.15 -30.49
N ASP C 137 -1.64 27.45 -31.42
CA ASP C 137 -1.97 28.22 -32.61
C ASP C 137 -3.06 27.52 -33.42
N ARG C 138 -2.86 26.23 -33.66
CA ARG C 138 -3.77 25.38 -34.39
C ARG C 138 -5.17 25.40 -33.78
N TYR C 139 -5.26 25.22 -32.47
CA TYR C 139 -6.55 25.19 -31.78
C TYR C 139 -7.30 26.52 -31.88
N PHE C 140 -6.60 27.62 -31.63
CA PHE C 140 -7.25 28.92 -31.55
C PHE C 140 -7.60 29.53 -32.90
N GLU C 141 -6.80 29.24 -33.91
CA GLU C 141 -7.11 29.72 -35.27
C GLU C 141 -8.21 28.89 -35.93
N ALA C 142 -8.80 27.96 -35.17
CA ALA C 142 -9.99 27.23 -35.58
C ALA C 142 -11.19 27.62 -34.71
N TYR C 143 -10.94 27.78 -33.40
CA TYR C 143 -11.96 28.19 -32.42
C TYR C 143 -12.68 29.47 -32.85
N ARG D 2 -31.64 0.00 -1.01
CA ARG D 2 -30.36 -0.30 -1.72
C ARG D 2 -29.61 0.98 -2.13
N ARG D 3 -28.92 1.56 -1.16
CA ARG D 3 -28.08 2.75 -1.37
C ARG D 3 -26.91 2.38 -2.30
N SER D 4 -26.51 3.34 -3.13
CA SER D 4 -25.47 3.13 -4.13
C SER D 4 -24.26 4.02 -3.80
N VAL D 5 -23.05 3.46 -3.88
CA VAL D 5 -21.84 4.20 -3.55
C VAL D 5 -20.77 4.14 -4.66
N TYR D 6 -20.28 5.32 -5.06
CA TYR D 6 -19.23 5.44 -6.06
C TYR D 6 -17.90 5.66 -5.36
N PHE D 7 -16.93 4.76 -5.60
CA PHE D 7 -15.62 4.89 -4.97
C PHE D 7 -14.54 5.34 -5.98
N CYS D 8 -13.80 6.37 -5.60
CA CYS D 8 -12.72 6.92 -6.42
C CYS D 8 -11.38 6.66 -5.78
N GLY D 9 -10.44 6.13 -6.57
CA GLY D 9 -9.05 5.94 -6.14
C GLY D 9 -8.14 5.96 -7.36
N SER D 10 -6.93 6.46 -7.17
CA SER D 10 -5.96 6.59 -8.24
C SER D 10 -5.71 5.27 -8.99
N ILE D 11 -5.70 5.34 -10.31
CA ILE D 11 -5.29 4.20 -11.14
C ILE D 11 -4.03 4.57 -11.92
N ARG D 12 -4.17 5.36 -12.98
CA ARG D 12 -2.99 5.85 -13.72
C ARG D 12 -2.16 6.83 -12.90
N GLY D 13 -2.75 7.45 -11.88
CA GLY D 13 -2.02 8.28 -10.94
C GLY D 13 -1.03 7.45 -10.15
N GLY D 14 -1.22 6.12 -10.20
CA GLY D 14 -0.37 5.19 -9.46
C GLY D 14 -1.21 4.33 -8.52
N ARG D 15 -0.76 3.10 -8.34
CA ARG D 15 -1.50 2.08 -7.61
C ARG D 15 -0.93 1.82 -6.20
N GLU D 16 -0.14 2.78 -5.68
CA GLU D 16 0.51 2.64 -4.35
C GLU D 16 -0.45 2.18 -3.23
N ASP D 17 -1.66 2.73 -3.23
CA ASP D 17 -2.65 2.49 -2.19
C ASP D 17 -3.71 1.45 -2.55
N GLN D 18 -3.40 0.58 -3.51
CA GLN D 18 -4.32 -0.48 -3.98
C GLN D 18 -4.96 -1.25 -2.81
N ALA D 19 -4.13 -1.77 -1.91
CA ALA D 19 -4.58 -2.57 -0.76
C ALA D 19 -5.52 -1.79 0.14
N LEU D 20 -5.25 -0.50 0.29
CA LEU D 20 -6.10 0.40 1.04
C LEU D 20 -7.46 0.58 0.35
N TYR D 21 -7.46 0.68 -0.98
CA TYR D 21 -8.72 0.79 -1.74
C TYR D 21 -9.60 -0.43 -1.54
N ALA D 22 -8.97 -1.61 -1.54
CA ALA D 22 -9.66 -2.87 -1.31
C ALA D 22 -10.30 -2.92 0.08
N ARG D 23 -9.62 -2.39 1.09
CA ARG D 23 -10.20 -2.31 2.43
C ARG D 23 -11.42 -1.40 2.43
N ILE D 24 -11.33 -0.26 1.73
CA ILE D 24 -12.42 0.72 1.70
C ILE D 24 -13.63 0.13 0.98
N VAL D 25 -13.40 -0.47 -0.19
CA VAL D 25 -14.49 -1.06 -0.96
C VAL D 25 -15.18 -2.15 -0.12
N SER D 26 -14.36 -2.99 0.52
CA SER D 26 -14.87 -4.08 1.33
C SER D 26 -15.74 -3.60 2.49
N ARG D 27 -15.28 -2.57 3.19
CA ARG D 27 -16.06 -1.95 4.25
C ARG D 27 -17.32 -1.26 3.71
N LEU D 28 -17.18 -0.56 2.58
CA LEU D 28 -18.30 0.13 1.94
C LEU D 28 -19.48 -0.78 1.56
N ARG D 29 -19.21 -2.06 1.33
CA ARG D 29 -20.25 -3.02 0.92
C ARG D 29 -21.29 -3.21 2.02
N ARG D 30 -20.85 -2.98 3.24
CA ARG D 30 -21.69 -2.95 4.43
C ARG D 30 -22.78 -1.88 4.35
N TYR D 31 -22.52 -0.81 3.60
CA TYR D 31 -23.37 0.37 3.63
C TYR D 31 -24.16 0.59 2.34
N GLY D 32 -23.74 -0.06 1.26
CA GLY D 32 -24.47 -0.01 0.00
C GLY D 32 -23.81 -0.84 -1.08
N LYS D 33 -24.40 -0.85 -2.27
CA LYS D 33 -23.77 -1.49 -3.42
C LYS D 33 -22.67 -0.58 -3.98
N VAL D 34 -21.47 -1.12 -4.08
CA VAL D 34 -20.32 -0.39 -4.64
C VAL D 34 -20.32 -0.57 -6.16
N LEU D 35 -20.44 0.55 -6.88
CA LEU D 35 -20.58 0.54 -8.33
C LEU D 35 -19.24 0.43 -9.06
N THR D 36 -18.19 0.88 -8.42
CA THR D 36 -16.87 0.98 -9.04
C THR D 36 -15.84 0.09 -8.33
N GLU D 37 -16.17 -1.18 -8.12
CA GLU D 37 -15.24 -2.06 -7.43
C GLU D 37 -13.97 -2.36 -8.26
N HIS D 38 -13.98 -1.95 -9.54
CA HIS D 38 -12.80 -2.05 -10.40
C HIS D 38 -11.58 -1.30 -9.85
N VAL D 39 -11.83 -0.20 -9.13
CA VAL D 39 -10.77 0.64 -8.56
C VAL D 39 -9.85 -0.13 -7.60
N ALA D 40 -10.41 -1.12 -6.92
CA ALA D 40 -9.66 -1.94 -5.97
C ALA D 40 -9.05 -3.21 -6.59
N ASP D 41 -9.40 -3.52 -7.84
CA ASP D 41 -8.87 -4.71 -8.53
C ASP D 41 -7.53 -4.41 -9.19
N ALA D 52 -13.49 -3.29 -25.60
CA ALA D 52 -12.52 -2.32 -26.11
C ALA D 52 -13.22 -1.11 -26.74
N GLY D 53 -14.21 -0.59 -26.03
CA GLY D 53 -14.78 0.73 -26.32
C GLY D 53 -13.80 1.82 -25.93
N GLY D 54 -12.65 1.38 -25.39
CA GLY D 54 -11.54 2.25 -25.07
C GLY D 54 -11.84 3.11 -23.86
N ASP D 55 -11.12 4.22 -23.78
CA ASP D 55 -11.29 5.17 -22.70
C ASP D 55 -12.67 5.84 -22.72
N GLN D 56 -13.20 6.09 -23.92
CA GLN D 56 -14.53 6.68 -24.08
C GLN D 56 -15.62 5.85 -23.39
N PHE D 57 -15.57 4.53 -23.56
CA PHE D 57 -16.50 3.63 -22.89
C PHE D 57 -16.31 3.66 -21.37
N ILE D 58 -15.06 3.67 -20.92
CA ILE D 58 -14.76 3.76 -19.49
C ILE D 58 -15.38 5.03 -18.92
N HIS D 59 -15.21 6.14 -19.64
CA HIS D 59 -15.78 7.41 -19.24
C HIS D 59 -17.31 7.40 -19.21
N GLU D 60 -17.96 6.81 -20.22
CA GLU D 60 -19.43 6.76 -20.27
C GLU D 60 -20.01 5.90 -19.16
N GLN D 61 -19.49 4.69 -19.01
CA GLN D 61 -19.90 3.77 -17.96
C GLN D 61 -19.76 4.42 -16.58
N ASN D 62 -18.63 5.08 -16.33
CA ASN D 62 -18.39 5.72 -15.03
C ASN D 62 -19.32 6.89 -14.76
N LEU D 63 -19.61 7.69 -15.79
CA LEU D 63 -20.55 8.81 -15.64
C LEU D 63 -21.98 8.35 -15.40
N ASN D 64 -22.33 7.21 -15.97
CA ASN D 64 -23.62 6.60 -15.70
C ASN D 64 -23.74 6.12 -14.25
N TRP D 65 -22.66 5.51 -13.73
CA TRP D 65 -22.62 5.08 -12.33
C TRP D 65 -22.61 6.27 -11.36
N LEU D 66 -21.90 7.33 -11.75
CA LEU D 66 -21.80 8.53 -10.93
C LEU D 66 -23.17 9.20 -10.77
N GLN D 67 -23.96 9.24 -11.85
CA GLN D 67 -25.29 9.84 -11.79
C GLN D 67 -26.26 9.08 -10.90
N GLN D 68 -26.12 7.75 -10.86
CA GLN D 68 -27.03 6.95 -10.04
C GLN D 68 -26.59 6.76 -8.58
N ALA D 69 -25.32 7.04 -8.29
CA ALA D 69 -24.76 6.94 -6.95
C ALA D 69 -25.45 7.87 -5.95
N ASP D 70 -25.63 7.38 -4.73
CA ASP D 70 -26.23 8.17 -3.65
C ASP D 70 -25.16 8.87 -2.84
N VAL D 71 -23.95 8.33 -2.88
CA VAL D 71 -22.82 8.91 -2.16
C VAL D 71 -21.50 8.64 -2.88
N VAL D 72 -20.62 9.63 -2.88
CA VAL D 72 -19.31 9.50 -3.51
C VAL D 72 -18.26 9.46 -2.42
N VAL D 73 -17.39 8.44 -2.48
CA VAL D 73 -16.25 8.32 -1.57
C VAL D 73 -14.97 8.29 -2.38
N ALA D 74 -14.03 9.14 -2.03
CA ALA D 74 -12.75 9.20 -2.71
C ALA D 74 -11.59 9.14 -1.73
N GLU D 75 -10.60 8.32 -2.04
CA GLU D 75 -9.35 8.35 -1.30
C GLU D 75 -8.40 9.24 -2.09
N VAL D 76 -8.06 10.39 -1.52
CA VAL D 76 -7.39 11.43 -2.31
C VAL D 76 -5.91 11.65 -1.97
N THR D 77 -5.27 10.64 -1.38
CA THR D 77 -3.86 10.75 -0.99
C THR D 77 -2.89 10.74 -2.18
N GLN D 78 -3.13 9.83 -3.14
CA GLN D 78 -2.34 9.74 -4.37
C GLN D 78 -2.95 10.64 -5.46
N PRO D 79 -2.16 11.60 -6.00
CA PRO D 79 -2.71 12.54 -6.97
C PRO D 79 -3.13 11.84 -8.27
N SER D 80 -4.27 12.25 -8.82
CA SER D 80 -4.85 11.54 -9.94
C SER D 80 -5.85 12.43 -10.64
N LEU D 81 -5.72 12.57 -11.95
CA LEU D 81 -6.65 13.37 -12.74
C LEU D 81 -8.03 12.75 -12.69
N GLY D 82 -8.10 11.43 -12.83
CA GLY D 82 -9.37 10.73 -12.84
C GLY D 82 -10.17 11.00 -11.59
N VAL D 83 -9.54 10.77 -10.43
CA VAL D 83 -10.16 11.03 -9.11
C VAL D 83 -10.65 12.47 -9.03
N GLY D 84 -9.76 13.42 -9.33
CA GLY D 84 -10.15 14.83 -9.37
C GLY D 84 -11.35 15.07 -10.28
N TYR D 85 -11.27 14.54 -11.50
CA TYR D 85 -12.35 14.69 -12.49
C TYR D 85 -13.71 14.18 -11.96
N GLU D 86 -13.70 12.96 -11.43
CA GLU D 86 -14.87 12.34 -10.81
C GLU D 86 -15.44 13.22 -9.70
N LEU D 87 -14.56 13.82 -8.89
CA LEU D 87 -15.02 14.69 -7.83
C LEU D 87 -15.66 15.96 -8.38
N GLY D 88 -15.08 16.49 -9.46
CA GLY D 88 -15.60 17.71 -10.08
C GLY D 88 -16.97 17.51 -10.69
N ARG D 89 -17.12 16.43 -11.45
CA ARG D 89 -18.42 16.05 -11.98
C ARG D 89 -19.42 15.82 -10.86
N ALA D 90 -18.98 15.17 -9.77
CA ALA D 90 -19.87 14.81 -8.65
C ALA D 90 -20.39 16.03 -7.89
N VAL D 91 -19.53 17.01 -7.69
CA VAL D 91 -19.92 18.31 -7.12
C VAL D 91 -21.09 18.92 -7.90
N ALA D 92 -20.93 19.00 -9.23
CA ALA D 92 -21.96 19.58 -10.10
C ALA D 92 -23.27 18.79 -10.13
N LEU D 93 -23.20 17.49 -9.85
CA LEU D 93 -24.40 16.65 -9.74
C LEU D 93 -25.07 16.75 -8.36
N GLY D 94 -24.46 17.54 -7.47
CA GLY D 94 -24.91 17.71 -6.09
C GLY D 94 -24.78 16.50 -5.19
N LYS D 95 -23.78 15.64 -5.44
CA LYS D 95 -23.63 14.41 -4.66
C LYS D 95 -23.05 14.68 -3.28
N PRO D 96 -23.54 13.97 -2.25
CA PRO D 96 -22.77 14.00 -1.00
C PRO D 96 -21.42 13.33 -1.22
N ILE D 97 -20.34 14.00 -0.81
CA ILE D 97 -18.97 13.52 -1.04
C ILE D 97 -18.15 13.39 0.25
N LEU D 98 -17.46 12.27 0.40
CA LEU D 98 -16.44 12.11 1.44
C LEU D 98 -15.06 11.86 0.82
N CYS D 99 -14.09 12.75 1.13
CA CYS D 99 -12.69 12.55 0.75
C CYS D 99 -11.87 12.16 1.97
N LEU D 100 -11.05 11.12 1.81
CA LEU D 100 -10.20 10.63 2.88
C LEU D 100 -8.74 10.85 2.49
N PHE D 101 -7.97 11.46 3.39
CA PHE D 101 -6.58 11.84 3.09
C PHE D 101 -5.62 11.48 4.21
N ARG D 102 -4.47 10.93 3.83
CA ARG D 102 -3.44 10.51 4.77
C ARG D 102 -2.29 11.51 4.89
N PRO D 103 -2.33 12.42 5.89
CA PRO D 103 -1.24 13.38 6.08
C PRO D 103 0.15 12.74 6.29
N GLN D 104 0.19 11.54 6.86
CA GLN D 104 1.46 10.82 7.10
C GLN D 104 2.25 10.48 5.84
N SER D 105 1.57 10.51 4.69
CA SER D 105 2.20 10.33 3.37
C SER D 105 3.22 11.41 3.07
N GLY D 106 3.21 12.48 3.85
CA GLY D 106 4.14 13.60 3.70
C GLY D 106 3.75 14.57 2.60
N ARG D 107 2.54 14.40 2.05
CA ARG D 107 2.05 15.27 1.00
C ARG D 107 1.13 16.36 1.56
N VAL D 108 1.06 17.49 0.87
CA VAL D 108 0.04 18.49 1.15
C VAL D 108 -1.07 18.33 0.11
N LEU D 109 -2.28 18.04 0.56
CA LEU D 109 -3.43 17.82 -0.32
C LEU D 109 -3.71 19.06 -1.17
N SER D 110 -4.09 18.82 -2.43
CA SER D 110 -4.51 19.88 -3.35
C SER D 110 -5.44 20.88 -2.69
N ALA D 111 -5.13 22.17 -2.84
CA ALA D 111 -5.98 23.23 -2.30
C ALA D 111 -7.39 23.18 -2.91
N MET D 112 -7.50 22.67 -4.13
CA MET D 112 -8.79 22.58 -4.83
C MET D 112 -9.70 21.51 -4.24
N ILE D 113 -9.10 20.47 -3.68
CA ILE D 113 -9.87 19.42 -3.03
C ILE D 113 -10.22 19.83 -1.60
N ARG D 114 -9.23 20.31 -0.84
CA ARG D 114 -9.51 20.73 0.53
C ARG D 114 -10.41 21.97 0.60
N GLY D 115 -10.22 22.89 -0.34
CA GLY D 115 -11.03 24.10 -0.45
C GLY D 115 -12.46 23.91 -0.93
N ALA D 116 -12.75 22.73 -1.49
CA ALA D 116 -14.10 22.41 -1.94
C ALA D 116 -15.01 22.05 -0.76
N ALA D 117 -14.39 21.72 0.37
CA ALA D 117 -15.09 21.30 1.58
C ALA D 117 -16.01 22.37 2.15
N ASP D 118 -17.25 21.99 2.44
CA ASP D 118 -18.19 22.88 3.13
C ASP D 118 -18.64 22.34 4.49
N GLY D 119 -18.24 21.11 4.79
CA GLY D 119 -18.45 20.51 6.11
C GLY D 119 -19.69 19.64 6.25
N SER D 120 -20.46 19.52 5.17
CA SER D 120 -21.64 18.64 5.15
C SER D 120 -21.76 17.86 3.85
N ARG D 121 -21.99 18.57 2.75
CA ARG D 121 -22.20 17.97 1.43
C ARG D 121 -20.86 17.53 0.82
N PHE D 122 -19.80 18.25 1.18
CA PHE D 122 -18.44 17.91 0.75
C PHE D 122 -17.51 17.91 1.95
N GLN D 123 -17.08 16.71 2.37
CA GLN D 123 -16.21 16.61 3.52
C GLN D 123 -14.85 16.05 3.16
N VAL D 124 -13.82 16.56 3.84
CA VAL D 124 -12.46 16.09 3.67
C VAL D 124 -11.89 15.76 5.05
N TRP D 125 -11.67 14.46 5.30
CA TRP D 125 -11.16 14.02 6.57
C TRP D 125 -9.73 13.53 6.47
N ASP D 126 -8.87 14.07 7.33
CA ASP D 126 -7.54 13.52 7.56
C ASP D 126 -7.65 12.23 8.37
N TYR D 127 -6.85 11.23 8.01
CA TYR D 127 -6.85 9.97 8.76
C TYR D 127 -5.52 9.25 8.68
N ALA D 128 -5.34 8.27 9.56
CA ALA D 128 -4.18 7.38 9.56
C ALA D 128 -4.57 6.02 8.99
N GLU D 129 -3.62 5.35 8.35
CA GLU D 129 -3.90 4.19 7.51
C GLU D 129 -4.75 3.07 8.13
N GLY D 130 -4.55 2.79 9.43
CA GLY D 130 -5.27 1.71 10.11
C GLY D 130 -6.66 2.10 10.57
N GLU D 131 -7.01 3.35 10.31
CA GLU D 131 -8.18 4.00 10.87
C GLU D 131 -9.35 4.04 9.87
N VAL D 132 -9.18 3.45 8.70
CA VAL D 132 -10.12 3.69 7.60
C VAL D 132 -11.50 3.06 7.78
N GLU D 133 -11.55 1.86 8.35
CA GLU D 133 -12.81 1.20 8.66
C GLU D 133 -13.60 2.06 9.65
N THR D 134 -12.95 2.49 10.74
CA THR D 134 -13.60 3.32 11.75
C THR D 134 -14.07 4.66 11.20
N MET D 135 -13.25 5.29 10.35
CA MET D 135 -13.60 6.53 9.65
C MET D 135 -14.84 6.39 8.76
N LEU D 136 -14.91 5.30 7.99
CA LEU D 136 -16.05 5.03 7.13
C LEU D 136 -17.33 4.76 7.94
N ASP D 137 -17.17 4.08 9.07
CA ASP D 137 -18.28 3.81 9.98
C ASP D 137 -18.84 5.12 10.52
N ARG D 138 -17.96 6.01 10.96
CA ARG D 138 -18.36 7.32 11.45
C ARG D 138 -19.22 8.07 10.46
N TYR D 139 -18.78 8.09 9.19
CA TYR D 139 -19.49 8.81 8.14
C TYR D 139 -20.86 8.22 7.86
N PHE D 140 -20.89 6.91 7.62
CA PHE D 140 -22.12 6.23 7.21
C PHE D 140 -23.12 5.94 8.35
N GLU D 141 -22.66 5.99 9.59
CA GLU D 141 -23.55 5.87 10.73
C GLU D 141 -24.11 7.25 11.14
N ALA D 142 -23.75 8.26 10.36
CA ALA D 142 -24.29 9.62 10.52
C ALA D 142 -24.85 10.16 9.18
N TYR D 143 -25.25 9.25 8.29
CA TYR D 143 -25.90 9.62 7.03
C TYR D 143 -27.09 8.70 6.75
O2 TR5 E . 2.41 -14.31 15.95
PB TR5 E . 3.49 -13.47 16.76
O3 TR5 E . 4.30 -12.67 15.82
O1 TR5 E . 2.81 -12.79 17.88
O5' TR5 E . 4.42 -14.62 17.39
C5' TR5 E . 3.84 -15.80 17.96
C4' TR5 E . 4.96 -16.72 18.43
O4' TR5 E . 5.89 -15.91 19.16
C3' TR5 E . 4.40 -17.76 19.40
O3' TR5 E . 4.76 -19.08 18.95
C2' TR5 E . 4.97 -17.42 20.79
O2' TR5 E . 5.79 -18.49 21.30
C1' TR5 E . 5.78 -16.09 20.59
N9 TR5 E . 5.01 -14.92 21.16
C8 TR5 E . 4.49 -13.88 20.48
C7 TR5 E . 3.87 -13.08 21.35
C5 TR5 E . 4.00 -13.64 22.54
C4 TR5 E . 4.71 -14.77 22.46
N3 TR5 E . 4.96 -15.49 23.57
C2 TR5 E . 4.45 -15.06 24.90
N1 TR5 E . 3.68 -13.78 24.82
C6 TR5 E . 3.49 -13.13 23.65
N61 TR5 E . 2.80 -11.96 23.56
C62 TR5 E . 2.21 -11.33 24.77
N71 TR5 E . 2.66 -11.38 22.39
C72 TR5 E . 3.18 -11.93 21.28
N73 TR5 E . 3.04 -11.37 20.07
O2 TR5 F . 6.41 -15.99 4.00
PB TR5 F . 6.73 -14.95 3.02
O3 TR5 F . 5.97 -13.57 3.37
O1 TR5 F . 6.53 -15.24 1.57
O5' TR5 F . 8.27 -14.52 3.27
C5' TR5 F . 8.80 -13.40 2.55
C4' TR5 F . 10.30 -13.32 2.81
O4' TR5 F . 10.95 -14.60 2.52
C3' TR5 F . 10.92 -12.26 1.91
O3' TR5 F . 11.66 -11.34 2.74
C2' TR5 F . 11.82 -13.02 0.91
O2' TR5 F . 13.19 -12.60 1.03
C1' TR5 F . 11.65 -14.53 1.23
N9 TR5 F . 10.79 -15.19 0.21
C8 TR5 F . 9.57 -15.72 0.42
C7 TR5 F . 9.11 -16.19 -0.74
C5 TR5 F . 10.06 -15.93 -1.64
C4 TR5 F . 11.09 -15.32 -1.08
N3 TR5 F . 12.14 -14.97 -1.84
C2 TR5 F . 12.17 -15.26 -3.29
N1 TR5 F . 10.94 -15.94 -3.77
C6 TR5 F . 9.94 -16.25 -2.92
N61 TR5 F . 8.81 -16.87 -3.32
C62 TR5 F . 8.60 -17.27 -4.73
N71 TR5 F . 7.89 -17.14 -2.48
C72 TR5 F . 8.01 -16.80 -1.19
N73 TR5 F . 7.06 -17.08 -0.30
S SO4 G . 15.44 0.98 -8.75
O1 SO4 G . 15.33 0.02 -7.64
O2 SO4 G . 14.48 0.67 -9.82
O3 SO4 G . 15.19 2.33 -8.24
O4 SO4 G . 16.79 0.89 -9.30
S SO4 H . 17.37 12.87 -3.16
O1 SO4 H . 18.07 12.45 -1.95
O2 SO4 H . 16.04 13.33 -2.79
O3 SO4 H . 17.26 11.76 -4.10
O4 SO4 H . 18.12 13.96 -3.80
O2 TR5 I . -3.89 19.39 -7.09
PB TR5 I . -2.93 20.49 -7.70
O3 TR5 I . -2.37 21.35 -6.63
O1 TR5 I . -1.98 19.84 -8.63
O5' TR5 I . -4.01 21.38 -8.54
C5' TR5 I . -3.57 22.17 -9.65
C4' TR5 I . -4.68 23.09 -10.17
O4' TR5 I . -5.48 23.64 -9.09
C3' TR5 I . -4.01 24.25 -10.89
O3' TR5 I . -4.33 24.20 -12.32
C2' TR5 I . -4.51 25.53 -10.18
O2' TR5 I . -5.39 26.29 -11.04
C1' TR5 I . -5.28 25.05 -8.94
N9 TR5 I . -4.49 25.31 -7.69
C8 TR5 I . -3.98 24.37 -6.88
C7 TR5 I . -3.33 24.95 -5.88
C5 TR5 I . -3.45 26.27 -6.09
C4 TR5 I . -4.16 26.50 -7.19
N3 TR5 I . -4.40 27.77 -7.57
C2 TR5 I . -3.88 28.94 -6.78
N1 TR5 I . -3.10 28.49 -5.58
C6 TR5 I . -2.93 27.19 -5.28
N61 TR5 I . -2.23 26.77 -4.19
C62 TR5 I . -1.61 27.74 -3.24
N71 TR5 I . -2.10 25.43 -3.96
C72 TR5 I . -2.64 24.54 -4.80
N73 TR5 I . -2.54 23.22 -4.61
S SO4 J . 6.43 34.99 -32.96
O1 SO4 J . 6.83 34.85 -31.55
O2 SO4 J . 5.02 34.64 -33.13
O3 SO4 J . 6.65 36.38 -33.42
O4 SO4 J . 7.23 34.05 -33.74
O2 TR5 K . -5.63 7.69 -11.72
PB TR5 K . -6.57 7.79 -12.98
O3 TR5 K . -6.37 9.11 -13.60
O1 TR5 K . -6.43 6.56 -13.79
O5' TR5 K . -8.07 7.78 -12.35
C5' TR5 K . -8.57 6.80 -11.44
C4' TR5 K . -10.08 7.05 -11.25
O4' TR5 K . -10.79 7.27 -12.51
C3' TR5 K . -10.75 5.85 -10.59
O3' TR5 K . -11.54 6.34 -9.45
C2' TR5 K . -11.65 5.22 -11.67
O2' TR5 K . -13.02 5.27 -11.27
C1' TR5 K . -11.44 6.06 -12.95
N9 TR5 K . -10.59 5.26 -13.92
C8 TR5 K . -9.39 5.55 -14.42
C7 TR5 K . -9.02 4.55 -15.22
C5 TR5 K . -10.00 3.66 -15.19
C4 TR5 K . -10.99 4.08 -14.41
N3 TR5 K . -12.09 3.32 -14.23
C2 TR5 K . -12.24 2.00 -14.91
N1 TR5 K . -11.04 1.67 -15.76
C6 TR5 K . -9.99 2.51 -15.86
N61 TR5 K . -8.92 2.24 -16.62
C62 TR5 K . -8.83 0.97 -17.39
N71 TR5 K . -7.92 3.10 -16.67
C72 TR5 K . -7.96 4.25 -15.97
N73 TR5 K . -6.97 5.14 -16.02
S SO4 L . -16.70 -6.34 12.08
O1 SO4 L . -15.37 -6.24 12.70
O2 SO4 L . -17.36 -7.59 12.45
O3 SO4 L . -17.51 -5.19 12.50
O4 SO4 L . -16.52 -6.29 10.63
S SO4 M . -14.88 -7.76 5.92
O1 SO4 M . -14.26 -8.15 7.19
O2 SO4 M . -16.27 -8.22 5.91
O3 SO4 M . -14.88 -6.30 5.81
O4 SO4 M . -14.15 -8.37 4.81
#